data_6D68
#
_entry.id   6D68
#
_cell.length_a   66.537
_cell.length_b   66.537
_cell.length_c   225.098
_cell.angle_alpha   90.000
_cell.angle_beta   90.000
_cell.angle_gamma   120.000
#
_symmetry.space_group_name_H-M   'P 32 2 1'
#
loop_
_entity.id
_entity.type
_entity.pdbx_description
1 polymer 'Ubiquitin-conjugating enzyme E2 G1'
2 polymer Ubv.G1.1
3 water water
#
loop_
_entity_poly.entity_id
_entity_poly.type
_entity_poly.pdbx_seq_one_letter_code
_entity_poly.pdbx_strand_id
1 'polypeptide(L)'
;SMTELQSALLLRRQLAELNKNPVEGFSAGLIDDNDLYRWEVLIIGPPDTLYEGGVFKAHLTFPKDYPLRPPKMKFITEIW
HPNVDKNGDVCISILHEPGEDKYGYEKPEERWLPIHTVETIMISVISMLADPNGDSPANVDAAKEWREDRNGEFKRKVAR
(CME)VRKSQETAFE
;
A,B
2 'polypeptide(L)'
;GAGGDYKDDDDKMQIFVKPIRVKTITLEVEPSDTIENVKAKIQDKEGIPPDQQRLIFSGKLLEDGRTLSDYNIQKEYTLH
LLLRRH
;
C,D
#
# COMPACT_ATOMS: atom_id res chain seq x y z
N SER A 1 -12.12 -36.69 10.19
CA SER A 1 -11.14 -36.04 11.11
C SER A 1 -10.04 -35.36 10.32
N MET A 2 -9.47 -36.09 9.36
CA MET A 2 -8.47 -35.50 8.47
C MET A 2 -9.05 -34.31 7.71
N THR A 3 -10.30 -34.43 7.24
CA THR A 3 -10.93 -33.34 6.51
C THR A 3 -11.14 -32.13 7.41
N GLU A 4 -11.61 -32.35 8.65
CA GLU A 4 -11.76 -31.25 9.59
C GLU A 4 -10.42 -30.63 9.97
N LEU A 5 -9.37 -31.44 10.02
CA LEU A 5 -8.05 -30.92 10.35
C LEU A 5 -7.47 -30.10 9.21
N GLN A 6 -7.61 -30.60 7.97
CA GLN A 6 -7.08 -29.87 6.81
C GLN A 6 -7.78 -28.52 6.66
N SER A 7 -9.11 -28.52 6.73
CA SER A 7 -9.86 -27.27 6.56
C SER A 7 -9.48 -26.26 7.63
N ALA A 8 -9.31 -26.71 8.87
CA ALA A 8 -8.97 -25.80 9.96
C ALA A 8 -7.57 -25.24 9.80
N LEU A 9 -6.61 -26.08 9.41
CA LEU A 9 -5.23 -25.61 9.26
C LEU A 9 -5.15 -24.50 8.21
N LEU A 10 -5.87 -24.65 7.10
CA LEU A 10 -5.83 -23.64 6.05
C LEU A 10 -6.47 -22.33 6.53
N LEU A 11 -7.67 -22.41 7.10
CA LEU A 11 -8.34 -21.20 7.58
C LEU A 11 -7.51 -20.52 8.67
N ARG A 12 -6.90 -21.31 9.55
CA ARG A 12 -6.06 -20.75 10.60
C ARG A 12 -4.91 -19.93 10.01
N ARG A 13 -4.16 -20.54 9.08
CA ARG A 13 -3.02 -19.84 8.47
C ARG A 13 -3.48 -18.59 7.74
N GLN A 14 -4.63 -18.66 7.05
CA GLN A 14 -5.16 -17.48 6.38
C GLN A 14 -5.47 -16.38 7.38
N LEU A 15 -6.14 -16.72 8.48
CA LEU A 15 -6.46 -15.73 9.50
C LEU A 15 -5.20 -15.09 10.04
N ALA A 16 -4.19 -15.89 10.39
CA ALA A 16 -2.94 -15.35 10.90
C ALA A 16 -2.28 -14.43 9.87
N GLU A 17 -2.43 -14.74 8.59
CA GLU A 17 -1.83 -13.90 7.56
C GLU A 17 -2.54 -12.55 7.46
N LEU A 18 -3.87 -12.54 7.60
CA LEU A 18 -4.61 -11.29 7.49
C LEU A 18 -4.51 -10.44 8.75
N ASN A 19 -4.32 -11.06 9.91
CA ASN A 19 -4.12 -10.30 11.14
C ASN A 19 -2.86 -9.43 11.05
N LYS A 20 -1.78 -9.98 10.47
CA LYS A 20 -0.52 -9.27 10.38
C LYS A 20 -0.32 -8.54 9.06
N ASN A 21 -0.82 -9.10 7.95
CA ASN A 21 -0.61 -8.53 6.62
C ASN A 21 -1.95 -8.41 5.91
N PRO A 22 -2.81 -7.50 6.36
CA PRO A 22 -4.11 -7.34 5.71
C PRO A 22 -3.95 -6.84 4.28
N VAL A 23 -5.00 -7.06 3.50
CA VAL A 23 -5.04 -6.65 2.09
C VAL A 23 -5.91 -5.40 2.01
N GLU A 24 -5.50 -4.46 1.16
CA GLU A 24 -6.29 -3.24 0.99
C GLU A 24 -7.65 -3.57 0.40
N GLY A 25 -8.68 -2.88 0.87
CA GLY A 25 -10.02 -3.01 0.36
C GLY A 25 -10.96 -3.84 1.22
N PHE A 26 -10.44 -4.66 2.12
CA PHE A 26 -11.32 -5.47 2.96
C PHE A 26 -10.58 -5.89 4.23
N SER A 27 -11.37 -6.24 5.24
CA SER A 27 -10.88 -6.85 6.47
C SER A 27 -11.71 -8.09 6.74
N ALA A 28 -11.07 -9.16 7.18
CA ALA A 28 -11.76 -10.42 7.42
C ALA A 28 -11.24 -11.05 8.71
N GLY A 29 -12.15 -11.68 9.45
CA GLY A 29 -11.78 -12.35 10.68
C GLY A 29 -12.93 -13.21 11.18
N LEU A 30 -12.71 -13.80 12.35
CA LEU A 30 -13.68 -14.72 12.93
C LEU A 30 -14.74 -13.96 13.72
N ILE A 31 -16.00 -14.35 13.51
CA ILE A 31 -17.08 -13.82 14.35
C ILE A 31 -16.83 -14.19 15.81
N ASP A 32 -16.60 -15.48 16.06
CA ASP A 32 -16.24 -15.98 17.38
C ASP A 32 -14.88 -16.66 17.27
N ASP A 33 -13.94 -16.27 18.14
CA ASP A 33 -12.59 -16.80 18.07
C ASP A 33 -12.56 -18.33 18.10
N ASN A 34 -13.57 -18.94 18.71
CA ASN A 34 -13.61 -20.39 18.87
C ASN A 34 -14.22 -21.12 17.68
N ASP A 35 -14.54 -20.41 16.59
CA ASP A 35 -15.18 -21.01 15.42
C ASP A 35 -14.46 -20.49 14.18
N LEU A 36 -13.66 -21.36 13.55
CA LEU A 36 -12.87 -20.98 12.38
C LEU A 36 -13.67 -20.94 11.09
N TYR A 37 -14.91 -21.41 11.10
CA TYR A 37 -15.68 -21.58 9.87
C TYR A 37 -16.74 -20.50 9.67
N ARG A 38 -16.90 -19.57 10.62
CA ARG A 38 -17.85 -18.48 10.50
C ARG A 38 -17.07 -17.16 10.53
N TRP A 39 -16.83 -16.60 9.35
CA TRP A 39 -16.09 -15.36 9.22
C TRP A 39 -17.03 -14.18 9.04
N GLU A 40 -16.57 -13.00 9.41
CA GLU A 40 -17.21 -11.75 9.05
C GLU A 40 -16.17 -10.89 8.32
N VAL A 41 -16.66 -10.07 7.39
CA VAL A 41 -15.77 -9.28 6.54
C VAL A 41 -16.38 -7.90 6.34
N LEU A 42 -15.51 -6.91 6.23
CA LEU A 42 -15.88 -5.55 5.82
C LEU A 42 -15.25 -5.30 4.45
N ILE A 43 -16.07 -4.90 3.48
CA ILE A 43 -15.63 -4.69 2.12
C ILE A 43 -15.87 -3.22 1.76
N ILE A 44 -14.82 -2.57 1.27
CA ILE A 44 -14.92 -1.17 0.87
C ILE A 44 -15.26 -1.11 -0.61
N GLY A 45 -16.29 -0.36 -0.95
CA GLY A 45 -16.64 -0.14 -2.33
C GLY A 45 -15.43 0.34 -3.12
N PRO A 46 -15.04 -0.40 -4.16
CA PRO A 46 -13.78 -0.09 -4.85
C PRO A 46 -13.87 1.22 -5.60
N PRO A 47 -12.73 1.84 -5.92
CA PRO A 47 -12.76 3.11 -6.64
C PRO A 47 -13.27 2.93 -8.07
N ASP A 48 -13.80 4.03 -8.60
CA ASP A 48 -14.29 4.07 -9.98
C ASP A 48 -15.46 3.11 -10.19
N THR A 49 -16.24 2.87 -9.14
CA THR A 49 -17.48 2.12 -9.23
C THR A 49 -18.58 2.89 -8.51
N LEU A 50 -19.83 2.55 -8.83
CA LEU A 50 -20.95 3.20 -8.18
C LEU A 50 -21.01 2.90 -6.69
N TYR A 51 -20.28 1.88 -6.24
CA TYR A 51 -20.25 1.50 -4.84
C TYR A 51 -19.12 2.17 -4.07
N GLU A 52 -18.27 2.95 -4.75
CA GLU A 52 -17.09 3.53 -4.13
C GLU A 52 -17.43 4.20 -2.80
N GLY A 53 -16.68 3.82 -1.77
CA GLY A 53 -16.82 4.40 -0.45
C GLY A 53 -17.71 3.63 0.50
N GLY A 54 -18.54 2.73 -0.02
CA GLY A 54 -19.40 1.97 0.85
C GLY A 54 -18.60 1.05 1.76
N VAL A 55 -19.13 0.85 2.97
CA VAL A 55 -18.53 -0.03 3.97
C VAL A 55 -19.51 -1.18 4.15
N PHE A 56 -19.23 -2.32 3.51
CA PHE A 56 -20.19 -3.41 3.40
C PHE A 56 -19.77 -4.56 4.30
N LYS A 57 -20.58 -4.81 5.32
CA LYS A 57 -20.40 -5.98 6.20
C LYS A 57 -21.02 -7.20 5.55
N ALA A 58 -20.32 -8.33 5.66
CA ALA A 58 -20.82 -9.58 5.12
C ALA A 58 -20.31 -10.74 5.96
N HIS A 59 -20.97 -11.88 5.83
CA HIS A 59 -20.56 -13.11 6.49
C HIS A 59 -20.08 -14.11 5.44
N LEU A 60 -19.10 -14.91 5.85
CA LEU A 60 -18.48 -15.91 4.97
C LEU A 60 -18.39 -17.19 5.78
N THR A 61 -19.18 -18.20 5.39
CA THR A 61 -19.35 -19.41 6.17
C THR A 61 -18.77 -20.59 5.39
N PHE A 62 -17.76 -21.23 5.96
CA PHE A 62 -17.06 -22.34 5.32
C PHE A 62 -17.62 -23.68 5.80
N PRO A 63 -17.72 -24.68 4.92
CA PRO A 63 -18.07 -26.03 5.36
C PRO A 63 -16.87 -26.72 5.98
N LYS A 64 -17.12 -27.90 6.56
CA LYS A 64 -16.05 -28.68 7.16
C LYS A 64 -15.11 -29.24 6.11
N ASP A 65 -15.60 -29.51 4.89
CA ASP A 65 -14.78 -30.06 3.83
C ASP A 65 -14.26 -28.99 2.89
N TYR A 66 -14.13 -27.75 3.36
CA TYR A 66 -13.31 -26.77 2.66
C TYR A 66 -11.87 -27.27 2.64
N PRO A 67 -11.13 -27.09 1.52
CA PRO A 67 -11.40 -26.36 0.28
C PRO A 67 -12.09 -27.16 -0.83
N LEU A 68 -12.53 -28.38 -0.55
CA LEU A 68 -13.23 -29.16 -1.58
C LEU A 68 -14.53 -28.49 -1.98
N ARG A 69 -15.22 -27.86 -1.02
CA ARG A 69 -16.47 -27.18 -1.30
C ARG A 69 -16.36 -25.70 -0.90
N PRO A 70 -17.06 -24.81 -1.59
CA PRO A 70 -16.88 -23.38 -1.35
C PRO A 70 -17.62 -22.93 -0.09
N PRO A 71 -17.29 -21.76 0.43
CA PRO A 71 -18.13 -21.14 1.45
C PRO A 71 -19.35 -20.48 0.83
N LYS A 72 -20.28 -20.08 1.69
CA LYS A 72 -21.41 -19.26 1.29
C LYS A 72 -21.23 -17.86 1.85
N MET A 73 -21.63 -16.86 1.09
CA MET A 73 -21.43 -15.47 1.45
C MET A 73 -22.77 -14.73 1.46
N LYS A 74 -22.95 -13.88 2.46
CA LYS A 74 -24.18 -13.10 2.60
C LYS A 74 -23.82 -11.71 3.10
N PHE A 75 -24.25 -10.68 2.35
CA PHE A 75 -24.09 -9.32 2.82
C PHE A 75 -25.07 -9.06 3.97
N ILE A 76 -24.54 -8.50 5.06
CA ILE A 76 -25.41 -8.05 6.15
C ILE A 76 -25.90 -6.64 5.86
N THR A 77 -24.99 -5.75 5.46
CA THR A 77 -25.37 -4.43 5.03
C THR A 77 -26.29 -4.53 3.81
N GLU A 78 -27.30 -3.65 3.77
CA GLU A 78 -28.18 -3.63 2.62
C GLU A 78 -27.41 -3.14 1.39
N ILE A 79 -27.65 -3.79 0.26
CA ILE A 79 -26.93 -3.47 -0.98
C ILE A 79 -27.86 -3.75 -2.14
N TRP A 80 -27.64 -3.04 -3.24
CA TRP A 80 -28.44 -3.16 -4.47
C TRP A 80 -27.50 -3.60 -5.58
N HIS A 81 -27.53 -4.87 -5.92
CA HIS A 81 -26.60 -5.42 -6.89
C HIS A 81 -27.23 -6.63 -7.57
N PRO A 82 -27.05 -6.80 -8.89
CA PRO A 82 -27.72 -7.91 -9.58
C PRO A 82 -27.39 -9.29 -9.02
N ASN A 83 -26.15 -9.51 -8.61
CA ASN A 83 -25.71 -10.81 -8.12
C ASN A 83 -25.91 -10.98 -6.61
N VAL A 84 -26.65 -10.08 -5.96
CA VAL A 84 -26.93 -10.17 -4.54
C VAL A 84 -28.43 -10.33 -4.37
N ASP A 85 -28.86 -11.49 -3.87
CA ASP A 85 -30.27 -11.73 -3.63
C ASP A 85 -30.82 -10.71 -2.63
N LYS A 86 -32.14 -10.58 -2.62
CA LYS A 86 -32.79 -9.67 -1.69
C LYS A 86 -32.45 -9.99 -0.24
N ASN A 87 -32.18 -11.26 0.06
CA ASN A 87 -31.81 -11.67 1.41
C ASN A 87 -30.34 -11.43 1.72
N GLY A 88 -29.56 -10.94 0.76
CA GLY A 88 -28.15 -10.67 0.96
C GLY A 88 -27.21 -11.73 0.43
N ASP A 89 -27.73 -12.88 0.01
CA ASP A 89 -26.87 -13.96 -0.47
C ASP A 89 -26.14 -13.54 -1.74
N VAL A 90 -24.86 -13.88 -1.81
CA VAL A 90 -24.00 -13.53 -2.93
C VAL A 90 -23.92 -14.73 -3.86
N CYS A 91 -24.49 -14.61 -5.04
CA CYS A 91 -24.51 -15.67 -6.04
C CYS A 91 -23.54 -15.28 -7.15
N ILE A 92 -22.33 -15.84 -7.11
CA ILE A 92 -21.31 -15.61 -8.13
C ILE A 92 -20.67 -16.95 -8.47
N SER A 93 -20.06 -16.99 -9.66
CA SER A 93 -19.61 -18.27 -10.22
C SER A 93 -18.48 -18.89 -9.40
N ILE A 94 -17.62 -18.09 -8.79
CA ILE A 94 -16.51 -18.63 -8.02
C ILE A 94 -16.98 -19.41 -6.80
N LEU A 95 -18.25 -19.28 -6.43
CA LEU A 95 -18.79 -19.96 -5.26
C LEU A 95 -19.79 -21.04 -5.61
N HIS A 96 -19.87 -21.47 -6.86
CA HIS A 96 -20.80 -22.52 -7.25
C HIS A 96 -20.34 -23.86 -6.68
N GLU A 97 -21.30 -24.78 -6.54
CA GLU A 97 -21.13 -26.08 -5.88
C GLU A 97 -21.17 -25.92 -4.37
N GLU A 110 -12.78 -19.04 -13.12
CA GLU A 110 -14.10 -18.45 -12.92
C GLU A 110 -15.00 -19.35 -12.08
N ARG A 111 -14.54 -20.57 -11.82
CA ARG A 111 -15.26 -21.53 -11.00
C ARG A 111 -14.52 -21.74 -9.68
N TRP A 112 -15.03 -22.64 -8.86
CA TRP A 112 -14.41 -22.93 -7.57
C TRP A 112 -13.29 -23.95 -7.73
N LEU A 113 -12.18 -23.69 -7.05
CA LEU A 113 -11.03 -24.57 -7.01
C LEU A 113 -10.56 -24.73 -5.58
N PRO A 114 -9.91 -25.86 -5.24
CA PRO A 114 -9.44 -26.04 -3.86
C PRO A 114 -8.24 -25.17 -3.51
N ILE A 115 -7.85 -24.25 -4.40
CA ILE A 115 -6.76 -23.32 -4.11
C ILE A 115 -7.25 -21.95 -3.69
N HIS A 116 -8.56 -21.69 -3.75
CA HIS A 116 -9.08 -20.36 -3.45
C HIS A 116 -9.14 -20.12 -1.95
N THR A 117 -8.82 -18.89 -1.56
CA THR A 117 -8.77 -18.47 -0.16
C THR A 117 -9.79 -17.35 0.06
N VAL A 118 -9.87 -16.88 1.31
CA VAL A 118 -10.69 -15.72 1.62
C VAL A 118 -10.26 -14.55 0.73
N GLU A 119 -8.94 -14.33 0.63
CA GLU A 119 -8.43 -13.26 -0.20
C GLU A 119 -8.87 -13.42 -1.65
N THR A 120 -8.75 -14.63 -2.20
CA THR A 120 -9.18 -14.88 -3.56
C THR A 120 -10.66 -14.57 -3.75
N ILE A 121 -11.48 -14.88 -2.74
CA ILE A 121 -12.91 -14.65 -2.85
C ILE A 121 -13.22 -13.16 -2.81
N MET A 122 -12.56 -12.42 -1.93
CA MET A 122 -12.80 -10.97 -1.85
C MET A 122 -12.39 -10.28 -3.13
N ILE A 123 -11.30 -10.72 -3.75
CA ILE A 123 -10.89 -10.17 -5.04
C ILE A 123 -12.02 -10.33 -6.06
N SER A 124 -12.69 -11.49 -6.05
CA SER A 124 -13.79 -11.71 -6.98
C SER A 124 -15.01 -10.88 -6.60
N VAL A 125 -15.29 -10.75 -5.30
CA VAL A 125 -16.43 -9.96 -4.87
C VAL A 125 -16.22 -8.48 -5.18
N ILE A 126 -14.99 -7.99 -5.00
CA ILE A 126 -14.69 -6.60 -5.33
C ILE A 126 -14.85 -6.35 -6.82
N SER A 127 -14.35 -7.27 -7.65
CA SER A 127 -14.55 -7.14 -9.09
C SER A 127 -16.02 -7.23 -9.45
N MET A 128 -16.78 -8.05 -8.72
CA MET A 128 -18.22 -8.14 -8.96
C MET A 128 -18.88 -6.77 -8.85
N LEU A 129 -18.52 -5.98 -7.83
CA LEU A 129 -19.10 -4.65 -7.68
C LEU A 129 -18.78 -3.75 -8.85
N ALA A 130 -17.72 -4.04 -9.60
CA ALA A 130 -17.38 -3.25 -10.78
C ALA A 130 -17.99 -3.82 -12.06
N ASP A 131 -18.17 -5.14 -12.13
CA ASP A 131 -18.64 -5.80 -13.35
C ASP A 131 -19.52 -6.98 -12.98
N PRO A 132 -20.82 -6.76 -12.84
CA PRO A 132 -21.73 -7.87 -12.55
C PRO A 132 -21.73 -8.91 -13.67
N ASN A 133 -22.14 -10.13 -13.31
CA ASN A 133 -22.30 -11.20 -14.26
C ASN A 133 -23.76 -11.23 -14.74
N GLY A 134 -23.96 -11.16 -16.04
CA GLY A 134 -25.28 -11.07 -16.62
C GLY A 134 -26.01 -12.38 -16.81
N ASP A 135 -25.36 -13.51 -16.51
CA ASP A 135 -26.00 -14.82 -16.64
C ASP A 135 -26.65 -15.20 -15.32
N SER A 136 -27.98 -15.34 -15.34
CA SER A 136 -28.74 -15.75 -14.16
C SER A 136 -28.45 -14.83 -12.97
N PRO A 137 -28.99 -13.62 -12.95
CA PRO A 137 -28.78 -12.73 -11.80
C PRO A 137 -29.72 -13.05 -10.65
N ALA A 138 -29.26 -12.73 -9.44
CA ALA A 138 -30.02 -13.02 -8.23
C ALA A 138 -31.03 -11.93 -7.89
N ASN A 139 -30.83 -10.71 -8.39
CA ASN A 139 -31.75 -9.60 -8.17
C ASN A 139 -32.15 -9.09 -9.56
N VAL A 140 -33.23 -9.68 -10.11
CA VAL A 140 -33.66 -9.30 -11.46
C VAL A 140 -33.99 -7.81 -11.50
N ASP A 141 -34.59 -7.29 -10.44
CA ASP A 141 -34.89 -5.85 -10.39
C ASP A 141 -33.61 -5.04 -10.56
N ALA A 142 -32.60 -5.30 -9.74
CA ALA A 142 -31.33 -4.58 -9.86
C ALA A 142 -30.69 -4.84 -11.23
N ALA A 143 -30.77 -6.09 -11.72
CA ALA A 143 -30.19 -6.40 -13.02
C ALA A 143 -30.83 -5.56 -14.13
N LYS A 144 -32.16 -5.38 -14.07
CA LYS A 144 -32.84 -4.59 -15.08
C LYS A 144 -32.39 -3.13 -15.01
N GLU A 145 -32.37 -2.55 -13.81
CA GLU A 145 -31.95 -1.17 -13.67
C GLU A 145 -30.49 -0.98 -14.09
N TRP A 146 -29.65 -1.98 -13.87
CA TRP A 146 -28.24 -1.87 -14.25
C TRP A 146 -28.06 -1.93 -15.76
N ARG A 147 -28.89 -2.71 -16.45
CA ARG A 147 -28.80 -2.80 -17.91
C ARG A 147 -29.44 -1.59 -18.59
N GLU A 148 -30.56 -1.11 -18.06
CA GLU A 148 -31.36 -0.10 -18.74
C GLU A 148 -31.17 1.30 -18.21
N ASP A 149 -30.88 1.47 -16.91
CA ASP A 149 -30.77 2.80 -16.30
C ASP A 149 -29.63 2.75 -15.26
N ARG A 150 -28.40 2.58 -15.75
CA ARG A 150 -27.27 2.39 -14.85
C ARG A 150 -26.96 3.67 -14.08
N ASN A 151 -26.90 4.81 -14.78
CA ASN A 151 -26.59 6.08 -14.16
C ASN A 151 -27.84 6.83 -13.70
N GLY A 152 -29.00 6.18 -13.71
CA GLY A 152 -30.22 6.80 -13.23
C GLY A 152 -30.68 6.23 -11.90
N GLU A 153 -31.75 5.44 -11.92
CA GLU A 153 -32.28 4.89 -10.67
C GLU A 153 -31.26 3.95 -10.02
N PHE A 154 -30.63 3.08 -10.81
CA PHE A 154 -29.65 2.16 -10.24
C PHE A 154 -28.57 2.91 -9.47
N LYS A 155 -27.95 3.90 -10.12
CA LYS A 155 -26.97 4.74 -9.45
C LYS A 155 -27.58 5.42 -8.23
N ARG A 156 -28.82 5.89 -8.33
CA ARG A 156 -29.49 6.50 -7.20
C ARG A 156 -29.64 5.50 -6.05
N LYS A 157 -30.16 4.31 -6.36
CA LYS A 157 -30.33 3.30 -5.32
C LYS A 157 -29.00 2.95 -4.68
N VAL A 158 -27.99 2.65 -5.50
CA VAL A 158 -26.69 2.28 -4.96
C VAL A 158 -26.11 3.41 -4.11
N ALA A 159 -26.36 4.66 -4.51
CA ALA A 159 -25.89 5.80 -3.72
C ALA A 159 -26.50 5.79 -2.33
N ARG A 160 -27.76 5.40 -2.21
CA ARG A 160 -28.42 5.32 -0.91
C ARG A 160 -27.76 4.24 -0.07
N VAL A 162 -24.82 3.16 -0.24
CA VAL A 162 -23.49 3.62 0.15
C VAL A 162 -23.58 4.61 1.31
N ARG A 163 -24.53 5.54 1.23
CA ARG A 163 -24.71 6.51 2.32
C ARG A 163 -25.08 5.81 3.62
N LYS A 164 -26.05 4.89 3.55
CA LYS A 164 -26.45 4.16 4.76
C LYS A 164 -25.29 3.38 5.34
N SER A 165 -24.45 2.79 4.49
CA SER A 165 -23.35 1.98 4.99
C SER A 165 -22.32 2.83 5.72
N GLN A 166 -22.08 4.05 5.24
CA GLN A 166 -21.14 4.95 5.90
C GLN A 166 -21.74 5.51 7.19
N GLU A 167 -23.07 5.59 7.28
CA GLU A 167 -23.70 6.07 8.51
C GLU A 167 -23.44 5.09 9.65
N THR A 168 -23.70 3.81 9.42
CA THR A 168 -23.47 2.81 10.47
C THR A 168 -21.99 2.63 10.77
N ALA A 169 -21.11 2.95 9.82
CA ALA A 169 -19.68 2.76 10.03
C ALA A 169 -19.10 3.80 11.00
N PHE A 170 -19.64 5.02 10.99
CA PHE A 170 -19.18 6.08 11.87
C PHE A 170 -20.17 6.39 12.99
N GLU A 171 -21.11 5.47 13.27
CA GLU A 171 -22.07 5.66 14.35
C GLU A 171 -21.36 5.97 15.67
N GLU B 4 29.84 -8.70 -20.20
CA GLU B 4 29.19 -7.42 -20.35
C GLU B 4 27.71 -7.58 -20.68
N LEU B 5 27.36 -8.67 -21.36
CA LEU B 5 25.97 -8.92 -21.72
C LEU B 5 25.20 -9.54 -20.56
N GLN B 6 25.84 -10.42 -19.80
CA GLN B 6 25.16 -11.07 -18.68
C GLN B 6 24.61 -10.02 -17.71
N SER B 7 25.40 -9.01 -17.38
CA SER B 7 24.95 -7.97 -16.47
C SER B 7 23.81 -7.15 -17.07
N ALA B 8 23.84 -6.92 -18.38
CA ALA B 8 22.80 -6.12 -19.01
C ALA B 8 21.44 -6.80 -18.96
N LEU B 9 21.42 -8.14 -18.98
CA LEU B 9 20.14 -8.86 -18.92
C LEU B 9 19.47 -8.67 -17.57
N LEU B 10 20.22 -8.78 -16.47
CA LEU B 10 19.63 -8.62 -15.14
C LEU B 10 19.07 -7.22 -14.95
N LEU B 11 19.87 -6.19 -15.29
CA LEU B 11 19.42 -4.82 -15.08
C LEU B 11 18.23 -4.48 -15.98
N ARG B 12 18.19 -5.02 -17.19
CA ARG B 12 17.03 -4.79 -18.05
C ARG B 12 15.75 -5.33 -17.40
N ARG B 13 15.84 -6.51 -16.77
CA ARG B 13 14.66 -7.10 -16.16
C ARG B 13 14.28 -6.38 -14.87
N GLN B 14 15.26 -6.07 -14.02
CA GLN B 14 14.98 -5.31 -12.80
C GLN B 14 14.32 -3.98 -13.13
N LEU B 15 14.82 -3.30 -14.16
CA LEU B 15 14.20 -2.03 -14.57
C LEU B 15 12.75 -2.24 -14.99
N ALA B 16 12.50 -3.22 -15.87
CA ALA B 16 11.15 -3.48 -16.34
C ALA B 16 10.20 -3.73 -15.18
N GLU B 17 10.65 -4.46 -14.16
CA GLU B 17 9.78 -4.77 -13.03
C GLU B 17 9.42 -3.52 -12.24
N LEU B 18 10.40 -2.63 -12.01
CA LEU B 18 10.16 -1.45 -11.20
C LEU B 18 9.26 -0.45 -11.92
N ASN B 19 9.28 -0.45 -13.26
CA ASN B 19 8.45 0.49 -14.00
C ASN B 19 6.97 0.17 -13.87
N LYS B 20 6.62 -1.12 -13.76
CA LYS B 20 5.23 -1.52 -13.64
C LYS B 20 4.79 -1.70 -12.20
N ASN B 21 5.68 -2.19 -11.34
CA ASN B 21 5.36 -2.49 -9.94
C ASN B 21 6.37 -1.80 -9.04
N PRO B 22 6.25 -0.49 -8.85
CA PRO B 22 7.19 0.22 -7.99
C PRO B 22 6.94 -0.07 -6.52
N VAL B 23 7.97 0.15 -5.72
CA VAL B 23 7.93 -0.08 -4.27
C VAL B 23 7.80 1.27 -3.58
N GLU B 24 6.94 1.33 -2.57
CA GLU B 24 6.79 2.57 -1.81
C GLU B 24 8.10 2.87 -1.10
N GLY B 25 8.45 4.16 -1.05
CA GLY B 25 9.64 4.63 -0.38
C GLY B 25 10.74 5.08 -1.31
N PHE B 26 10.78 4.58 -2.54
CA PHE B 26 11.82 4.99 -3.47
C PHE B 26 11.36 4.76 -4.89
N SER B 27 12.02 5.46 -5.82
CA SER B 27 11.87 5.25 -7.24
C SER B 27 13.26 5.19 -7.86
N ALA B 28 13.47 4.24 -8.76
CA ALA B 28 14.77 4.01 -9.37
C ALA B 28 14.61 3.74 -10.86
N GLY B 29 15.59 4.18 -11.62
CA GLY B 29 15.58 3.96 -13.06
C GLY B 29 16.90 4.36 -13.68
N LEU B 30 16.92 4.42 -15.01
CA LEU B 30 18.13 4.75 -15.75
C LEU B 30 18.24 6.25 -15.95
N ILE B 31 19.46 6.77 -15.78
CA ILE B 31 19.73 8.16 -16.10
C ILE B 31 19.59 8.39 -17.60
N ASP B 32 20.06 7.44 -18.41
CA ASP B 32 19.91 7.47 -19.86
C ASP B 32 19.45 6.11 -20.34
N ASP B 33 18.48 6.11 -21.26
CA ASP B 33 17.88 4.86 -21.70
C ASP B 33 18.89 3.92 -22.33
N ASN B 34 19.96 4.46 -22.92
CA ASN B 34 20.96 3.64 -23.61
C ASN B 34 22.08 3.16 -22.71
N ASP B 35 22.04 3.47 -21.41
CA ASP B 35 23.09 3.07 -20.47
C ASP B 35 22.44 2.38 -19.28
N LEU B 36 22.55 1.05 -19.24
CA LEU B 36 21.90 0.24 -18.21
C LEU B 36 22.64 0.25 -16.87
N TYR B 37 23.85 0.81 -16.81
CA TYR B 37 24.70 0.66 -15.64
C TYR B 37 24.70 1.88 -14.73
N ARG B 38 24.13 3.00 -15.16
CA ARG B 38 24.14 4.24 -14.38
C ARG B 38 22.69 4.60 -14.03
N TRP B 39 22.30 4.31 -12.79
CA TRP B 39 20.95 4.53 -12.32
C TRP B 39 20.89 5.78 -11.45
N GLU B 40 19.70 6.38 -11.39
CA GLU B 40 19.38 7.41 -10.42
C GLU B 40 18.18 6.96 -9.61
N VAL B 41 18.13 7.38 -8.34
CA VAL B 41 17.06 6.97 -7.45
C VAL B 41 16.62 8.16 -6.61
N LEU B 42 15.32 8.17 -6.29
CA LEU B 42 14.75 9.12 -5.33
C LEU B 42 14.32 8.33 -4.11
N ILE B 43 14.83 8.70 -2.94
CA ILE B 43 14.54 8.02 -1.69
C ILE B 43 13.78 8.98 -0.79
N ILE B 44 12.66 8.51 -0.25
CA ILE B 44 11.87 9.31 0.68
C ILE B 44 12.28 8.94 2.10
N GLY B 45 12.63 9.96 2.89
CA GLY B 45 12.93 9.75 4.28
C GLY B 45 11.84 8.95 4.96
N PRO B 46 12.19 7.77 5.48
CA PRO B 46 11.15 6.86 5.99
C PRO B 46 10.51 7.42 7.24
N PRO B 47 9.30 6.97 7.57
CA PRO B 47 8.63 7.48 8.76
C PRO B 47 9.36 7.08 10.04
N ASP B 48 9.17 7.90 11.08
CA ASP B 48 9.69 7.65 12.41
C ASP B 48 11.22 7.73 12.47
N THR B 49 11.84 8.37 11.50
CA THR B 49 13.28 8.64 11.53
C THR B 49 13.49 10.15 11.48
N LEU B 50 14.70 10.56 11.86
CA LEU B 50 15.05 11.98 11.76
C LEU B 50 14.98 12.48 10.32
N TYR B 51 15.04 11.58 9.34
CA TYR B 51 15.05 11.95 7.92
C TYR B 51 13.65 11.96 7.31
N GLU B 52 12.61 11.66 8.08
CA GLU B 52 11.25 11.54 7.55
C GLU B 52 10.89 12.75 6.69
N GLY B 53 10.34 12.47 5.50
CA GLY B 53 9.87 13.50 4.59
C GLY B 53 10.89 13.97 3.58
N GLY B 54 12.18 13.81 3.87
CA GLY B 54 13.19 14.25 2.92
C GLY B 54 13.08 13.52 1.59
N VAL B 55 13.51 14.21 0.54
CA VAL B 55 13.48 13.68 -0.82
C VAL B 55 14.91 13.67 -1.32
N PHE B 56 15.55 12.50 -1.24
CA PHE B 56 16.98 12.38 -1.47
C PHE B 56 17.25 11.74 -2.83
N LYS B 57 17.89 12.50 -3.72
CA LYS B 57 18.36 11.99 -5.00
C LYS B 57 19.71 11.30 -4.80
N ALA B 58 19.89 10.15 -5.46
CA ALA B 58 21.14 9.41 -5.39
C ALA B 58 21.41 8.75 -6.74
N HIS B 59 22.68 8.44 -6.96
CA HIS B 59 23.13 7.69 -8.12
C HIS B 59 23.56 6.29 -7.70
N LEU B 60 23.24 5.31 -8.53
CA LEU B 60 23.60 3.92 -8.28
C LEU B 60 24.27 3.39 -9.54
N THR B 61 25.55 3.03 -9.43
CA THR B 61 26.38 2.70 -10.59
C THR B 61 26.85 1.26 -10.49
N PHE B 62 26.43 0.43 -11.44
CA PHE B 62 26.77 -0.99 -11.49
C PHE B 62 27.98 -1.23 -12.38
N PRO B 63 28.91 -2.10 -11.98
CA PRO B 63 30.03 -2.45 -12.87
C PRO B 63 29.58 -3.45 -13.94
N LYS B 64 30.42 -3.61 -14.96
CA LYS B 64 30.09 -4.49 -16.06
C LYS B 64 30.00 -5.95 -15.61
N ASP B 65 30.74 -6.33 -14.56
CA ASP B 65 30.72 -7.68 -14.05
C ASP B 65 29.70 -7.89 -12.93
N TYR B 66 28.78 -6.95 -12.75
CA TYR B 66 27.63 -7.20 -11.90
C TYR B 66 26.94 -8.49 -12.36
N PRO B 67 26.40 -9.31 -11.43
CA PRO B 67 26.29 -9.14 -9.99
C PRO B 67 27.37 -9.82 -9.15
N LEU B 68 28.54 -10.09 -9.74
CA LEU B 68 29.64 -10.63 -8.96
C LEU B 68 30.23 -9.57 -8.04
N ARG B 69 30.19 -8.31 -8.45
CA ARG B 69 30.70 -7.20 -7.65
C ARG B 69 29.59 -6.18 -7.41
N PRO B 70 29.60 -5.50 -6.27
CA PRO B 70 28.49 -4.63 -5.91
C PRO B 70 28.50 -3.35 -6.71
N PRO B 71 27.38 -2.64 -6.77
CA PRO B 71 27.39 -1.29 -7.34
C PRO B 71 27.93 -0.27 -6.35
N LYS B 72 28.11 0.95 -6.84
CA LYS B 72 28.51 2.08 -6.01
C LYS B 72 27.36 3.08 -5.97
N MET B 73 27.01 3.50 -4.76
CA MET B 73 25.90 4.43 -4.54
C MET B 73 26.40 5.66 -3.83
N LYS B 74 25.94 6.82 -4.28
CA LYS B 74 26.29 8.08 -3.61
C LYS B 74 25.12 9.03 -3.72
N PHE B 75 24.76 9.66 -2.61
CA PHE B 75 23.70 10.66 -2.61
C PHE B 75 24.14 11.91 -3.37
N ILE B 76 23.23 12.46 -4.16
CA ILE B 76 23.44 13.76 -4.79
C ILE B 76 22.87 14.88 -3.92
N THR B 77 21.65 14.69 -3.43
CA THR B 77 21.12 15.60 -2.42
C THR B 77 22.00 15.60 -1.18
N GLU B 78 22.24 16.77 -0.61
CA GLU B 78 23.05 16.86 0.59
C GLU B 78 22.37 16.15 1.74
N ILE B 79 23.14 15.39 2.51
CA ILE B 79 22.61 14.61 3.63
C ILE B 79 23.68 14.54 4.71
N TRP B 80 23.24 14.32 5.95
CA TRP B 80 24.13 14.25 7.10
C TRP B 80 23.83 12.94 7.82
N HIS B 81 24.76 11.99 7.73
CA HIS B 81 24.52 10.65 8.24
C HIS B 81 25.86 9.98 8.49
N PRO B 82 26.01 9.22 9.58
CA PRO B 82 27.33 8.65 9.87
C PRO B 82 27.87 7.74 8.77
N ASN B 83 27.01 7.03 8.06
CA ASN B 83 27.43 6.06 7.05
C ASN B 83 27.45 6.64 5.64
N VAL B 84 27.20 7.94 5.49
CA VAL B 84 27.26 8.59 4.19
C VAL B 84 28.47 9.52 4.20
N ASP B 85 29.45 9.22 3.36
CA ASP B 85 30.65 10.04 3.27
C ASP B 85 30.27 11.46 2.85
N LYS B 86 31.11 12.41 3.23
CA LYS B 86 30.85 13.81 2.91
C LYS B 86 30.76 14.06 1.40
N ASN B 87 31.35 13.17 0.59
CA ASN B 87 31.22 13.25 -0.87
C ASN B 87 29.94 12.58 -1.37
N GLY B 88 29.12 12.02 -0.49
CA GLY B 88 27.88 11.40 -0.85
C GLY B 88 27.92 9.88 -0.89
N ASP B 89 29.11 9.29 -0.94
CA ASP B 89 29.22 7.84 -1.06
C ASP B 89 28.50 7.15 0.09
N VAL B 90 27.66 6.16 -0.25
CA VAL B 90 26.95 5.37 0.74
C VAL B 90 27.83 4.18 1.07
N CYS B 91 28.50 4.24 2.22
CA CYS B 91 29.45 3.21 2.64
C CYS B 91 28.75 2.32 3.66
N ILE B 92 28.14 1.25 3.18
CA ILE B 92 27.43 0.28 4.00
C ILE B 92 27.92 -1.11 3.62
N SER B 93 27.75 -2.05 4.55
CA SER B 93 28.36 -3.37 4.39
C SER B 93 27.84 -4.09 3.15
N ILE B 94 26.55 -3.98 2.87
CA ILE B 94 25.96 -4.68 1.72
C ILE B 94 26.62 -4.28 0.41
N LEU B 95 27.39 -3.19 0.38
CA LEU B 95 28.10 -2.76 -0.81
C LEU B 95 29.62 -2.91 -0.68
N HIS B 96 30.09 -3.52 0.39
CA HIS B 96 31.53 -3.75 0.56
C HIS B 96 31.99 -4.88 -0.33
N GLU B 97 33.27 -4.83 -0.71
CA GLU B 97 33.88 -5.85 -1.57
C GLU B 97 33.46 -5.65 -3.03
N GLU B 109 27.70 -12.65 4.96
CA GLU B 109 26.30 -12.72 5.36
C GLU B 109 25.62 -11.35 5.23
N GLU B 110 26.26 -10.32 5.80
CA GLU B 110 25.78 -8.95 5.69
C GLU B 110 26.35 -8.22 4.48
N ARG B 111 27.42 -8.72 3.88
CA ARG B 111 28.10 -8.05 2.80
C ARG B 111 27.41 -8.36 1.47
N TRP B 112 28.04 -7.95 0.37
CA TRP B 112 27.43 -8.11 -0.94
C TRP B 112 27.29 -9.60 -1.30
N LEU B 113 26.20 -9.92 -1.98
CA LEU B 113 25.93 -11.27 -2.45
C LEU B 113 25.46 -11.19 -3.89
N PRO B 114 25.74 -12.22 -4.70
CA PRO B 114 25.37 -12.17 -6.12
C PRO B 114 23.87 -12.15 -6.38
N ILE B 115 23.01 -12.24 -5.36
CA ILE B 115 21.57 -12.27 -5.56
C ILE B 115 20.91 -10.93 -5.22
N HIS B 116 21.66 -9.97 -4.70
CA HIS B 116 21.07 -8.69 -4.32
C HIS B 116 20.66 -7.89 -5.54
N THR B 117 19.56 -7.16 -5.40
CA THR B 117 18.97 -6.39 -6.48
C THR B 117 18.84 -4.92 -6.04
N VAL B 118 18.30 -4.10 -6.95
CA VAL B 118 18.07 -2.69 -6.62
C VAL B 118 17.15 -2.60 -5.41
N GLU B 119 16.05 -3.34 -5.42
CA GLU B 119 15.12 -3.31 -4.30
C GLU B 119 15.80 -3.74 -3.00
N THR B 120 16.60 -4.80 -3.05
CA THR B 120 17.29 -5.27 -1.86
C THR B 120 18.23 -4.20 -1.31
N ILE B 121 18.86 -3.44 -2.20
CA ILE B 121 19.80 -2.40 -1.76
C ILE B 121 19.05 -1.23 -1.15
N MET B 122 17.84 -0.94 -1.64
CA MET B 122 17.10 0.19 -1.11
C MET B 122 16.52 -0.12 0.26
N ILE B 123 16.09 -1.37 0.48
CA ILE B 123 15.66 -1.76 1.82
C ILE B 123 16.77 -1.55 2.83
N SER B 124 18.01 -1.83 2.42
CA SER B 124 19.15 -1.65 3.31
C SER B 124 19.48 -0.16 3.50
N VAL B 125 19.33 0.63 2.45
CA VAL B 125 19.56 2.08 2.57
C VAL B 125 18.50 2.71 3.45
N ILE B 126 17.23 2.35 3.23
CA ILE B 126 16.16 2.81 4.11
C ILE B 126 16.47 2.41 5.55
N SER B 127 16.85 1.15 5.76
CA SER B 127 17.23 0.69 7.09
C SER B 127 18.40 1.50 7.64
N MET B 128 19.35 1.85 6.78
CA MET B 128 20.48 2.68 7.21
C MET B 128 20.01 4.00 7.81
N LEU B 129 19.06 4.66 7.13
CA LEU B 129 18.57 5.95 7.59
C LEU B 129 17.93 5.87 8.97
N ALA B 130 17.44 4.69 9.36
CA ALA B 130 16.80 4.53 10.66
C ALA B 130 17.77 4.17 11.76
N ASP B 131 18.84 3.44 11.44
CA ASP B 131 19.79 2.96 12.43
C ASP B 131 21.20 3.02 11.86
N PRO B 132 21.91 4.13 12.07
CA PRO B 132 23.31 4.21 11.61
C PRO B 132 24.18 3.15 12.29
N ASN B 133 25.15 2.66 11.54
CA ASN B 133 26.12 1.68 12.04
C ASN B 133 27.40 2.38 12.45
N GLY B 134 27.95 1.99 13.58
CA GLY B 134 29.15 2.60 14.13
C GLY B 134 30.42 1.79 13.98
N ASP B 135 30.40 0.71 13.22
CA ASP B 135 31.61 -0.11 13.05
C ASP B 135 32.72 0.70 12.38
N SER B 136 32.43 1.28 11.22
CA SER B 136 33.41 2.08 10.49
C SER B 136 32.67 3.19 9.75
N PRO B 137 32.35 4.29 10.42
CA PRO B 137 31.54 5.34 9.79
C PRO B 137 32.35 6.15 8.78
N ALA B 138 31.67 6.52 7.69
CA ALA B 138 32.30 7.31 6.65
C ALA B 138 32.36 8.79 6.99
N ASN B 139 31.42 9.27 7.82
CA ASN B 139 31.39 10.66 8.28
C ASN B 139 31.62 10.64 9.78
N VAL B 140 32.86 10.90 10.20
CA VAL B 140 33.18 10.83 11.63
C VAL B 140 32.55 11.98 12.39
N ASP B 141 32.43 13.16 11.77
CA ASP B 141 31.76 14.28 12.42
C ASP B 141 30.31 13.93 12.73
N ALA B 142 29.60 13.37 11.75
CA ALA B 142 28.20 13.00 11.97
C ALA B 142 28.09 11.85 12.97
N ALA B 143 29.04 10.91 12.92
CA ALA B 143 29.02 9.80 13.86
C ALA B 143 29.09 10.28 15.31
N LYS B 144 29.97 11.26 15.58
CA LYS B 144 30.11 11.77 16.93
C LYS B 144 28.84 12.46 17.41
N GLU B 145 28.25 13.30 16.55
CA GLU B 145 27.00 13.97 16.92
C GLU B 145 25.90 12.96 17.19
N TRP B 146 25.78 11.94 16.34
CA TRP B 146 24.72 10.95 16.51
C TRP B 146 24.89 10.17 17.80
N ARG B 147 26.13 10.00 18.27
CA ARG B 147 26.38 9.28 19.52
C ARG B 147 26.14 10.18 20.73
N GLU B 148 26.67 11.40 20.70
CA GLU B 148 26.73 12.25 21.88
C GLU B 148 25.69 13.36 21.90
N ASP B 149 24.99 13.61 20.80
CA ASP B 149 23.98 14.66 20.77
C ASP B 149 22.96 14.38 19.68
N ARG B 150 22.35 13.19 19.73
CA ARG B 150 21.45 12.76 18.67
C ARG B 150 20.30 13.76 18.48
N ASN B 151 19.67 14.17 19.58
CA ASN B 151 18.50 15.04 19.53
C ASN B 151 18.85 16.51 19.69
N GLY B 152 20.13 16.86 19.63
CA GLY B 152 20.55 18.24 19.70
C GLY B 152 21.03 18.75 18.36
N GLU B 153 22.35 18.74 18.16
CA GLU B 153 22.91 19.25 16.91
C GLU B 153 22.66 18.28 15.76
N PHE B 154 22.76 16.98 16.01
CA PHE B 154 22.52 16.01 14.95
C PHE B 154 21.12 16.16 14.39
N LYS B 155 20.11 16.19 15.27
CA LYS B 155 18.74 16.39 14.80
C LYS B 155 18.61 17.72 14.07
N ARG B 156 19.30 18.76 14.55
CA ARG B 156 19.21 20.07 13.92
C ARG B 156 19.72 20.02 12.49
N LYS B 157 20.90 19.43 12.29
CA LYS B 157 21.45 19.32 10.93
C LYS B 157 20.52 18.55 10.02
N VAL B 158 20.09 17.35 10.44
CA VAL B 158 19.25 16.51 9.61
C VAL B 158 17.96 17.24 9.24
N ALA B 159 17.39 18.00 10.17
CA ALA B 159 16.19 18.77 9.88
C ALA B 159 16.43 19.71 8.69
N ARG B 160 17.61 20.31 8.61
CA ARG B 160 17.98 21.18 7.50
C ARG B 160 17.94 20.42 6.17
N VAL B 162 16.60 17.76 5.26
CA VAL B 162 15.23 17.40 4.92
C VAL B 162 14.51 18.60 4.31
N ARG B 163 14.58 19.74 5.01
CA ARG B 163 13.95 20.96 4.52
C ARG B 163 14.45 21.31 3.12
N LYS B 164 15.78 21.40 2.98
CA LYS B 164 16.36 21.78 1.69
C LYS B 164 15.95 20.79 0.59
N SER B 165 15.91 19.50 0.91
CA SER B 165 15.57 18.50 -0.10
C SER B 165 14.13 18.64 -0.56
N GLN B 166 13.23 19.05 0.33
CA GLN B 166 11.84 19.26 -0.06
C GLN B 166 11.68 20.52 -0.90
N GLU B 167 12.51 21.54 -0.64
CA GLU B 167 12.47 22.75 -1.46
C GLU B 167 12.84 22.42 -2.91
N THR B 168 13.93 21.68 -3.10
CA THR B 168 14.36 21.31 -4.45
C THR B 168 13.31 20.46 -5.15
N ALA B 169 12.53 19.70 -4.39
CA ALA B 169 11.56 18.79 -5.00
C ALA B 169 10.40 19.57 -5.62
N PHE B 170 9.96 20.65 -4.96
CA PHE B 170 8.81 21.42 -5.41
C PHE B 170 9.20 22.75 -6.07
N GLU B 171 10.41 22.83 -6.62
CA GLU B 171 10.86 24.04 -7.29
C GLU B 171 9.87 24.50 -8.35
N LYS C 12 -5.82 6.17 -26.80
CA LYS C 12 -6.02 6.22 -25.32
C LYS C 12 -5.47 4.96 -24.65
N MET C 13 -4.86 5.12 -23.48
CA MET C 13 -4.31 4.01 -22.73
C MET C 13 -4.56 4.25 -21.24
N GLN C 14 -4.11 3.30 -20.42
CA GLN C 14 -4.35 3.34 -18.98
C GLN C 14 -3.03 3.28 -18.23
N ILE C 15 -2.92 4.09 -17.18
CA ILE C 15 -1.76 4.09 -16.30
C ILE C 15 -2.25 4.13 -14.85
N PHE C 16 -1.32 3.88 -13.94
CA PHE C 16 -1.62 3.85 -12.51
C PHE C 16 -0.77 4.88 -11.80
N VAL C 17 -1.25 5.33 -10.65
CA VAL C 17 -0.55 6.32 -9.82
C VAL C 17 -0.71 5.90 -8.36
N LYS C 18 0.41 5.65 -7.69
CA LYS C 18 0.40 5.28 -6.28
C LYS C 18 1.22 6.29 -5.48
N PRO C 19 0.90 6.49 -4.20
CA PRO C 19 1.76 7.34 -3.36
C PRO C 19 3.12 6.70 -3.12
N ILE C 20 4.17 7.51 -3.21
CA ILE C 20 5.51 7.01 -2.91
C ILE C 20 5.76 6.97 -1.41
N ARG C 21 5.03 7.77 -0.64
CA ARG C 21 5.20 7.79 0.81
C ARG C 21 4.64 6.51 1.43
N VAL C 22 5.39 5.96 2.39
CA VAL C 22 4.92 4.80 3.12
C VAL C 22 3.68 5.18 3.91
N LYS C 23 2.55 4.53 3.59
CA LYS C 23 1.29 4.81 4.27
C LYS C 23 1.14 4.07 5.59
N THR C 24 2.06 3.15 5.91
CA THR C 24 1.95 2.36 7.12
C THR C 24 2.34 3.19 8.35
N ILE C 25 1.55 3.08 9.40
CA ILE C 25 1.79 3.77 10.67
C ILE C 25 2.22 2.74 11.71
N THR C 26 3.28 3.06 12.45
CA THR C 26 3.80 2.20 13.50
C THR C 26 3.48 2.82 14.85
N LEU C 27 2.90 2.02 15.74
CA LEU C 27 2.50 2.48 17.07
C LEU C 27 3.09 1.59 18.14
N GLU C 28 3.37 2.17 19.29
CA GLU C 28 3.74 1.43 20.50
C GLU C 28 2.55 1.48 21.44
N VAL C 29 1.98 0.32 21.76
CA VAL C 29 0.75 0.24 22.53
C VAL C 29 0.88 -0.82 23.62
N GLU C 30 -0.07 -0.78 24.56
CA GLU C 30 -0.26 -1.82 25.55
C GLU C 30 -1.59 -2.52 25.31
N PRO C 31 -1.72 -3.81 25.68
CA PRO C 31 -3.00 -4.49 25.48
C PRO C 31 -4.16 -3.84 26.20
N SER C 32 -3.92 -3.07 27.25
CA SER C 32 -4.98 -2.40 27.98
C SER C 32 -5.44 -1.11 27.32
N ASP C 33 -4.72 -0.61 26.33
CA ASP C 33 -5.14 0.60 25.63
C ASP C 33 -6.51 0.37 24.98
N THR C 34 -7.35 1.40 25.06
CA THR C 34 -8.63 1.36 24.37
C THR C 34 -8.46 1.81 22.93
N ILE C 35 -9.46 1.49 22.11
CA ILE C 35 -9.46 1.96 20.73
C ILE C 35 -9.43 3.47 20.70
N GLU C 36 -10.02 4.12 21.70
CA GLU C 36 -9.95 5.58 21.78
C GLU C 36 -8.51 6.05 21.94
N ASN C 37 -7.75 5.40 22.84
CA ASN C 37 -6.35 5.78 23.03
C ASN C 37 -5.54 5.56 21.75
N VAL C 38 -5.84 4.48 21.02
CA VAL C 38 -5.10 4.18 19.80
C VAL C 38 -5.37 5.26 18.75
N LYS C 39 -6.63 5.67 18.61
CA LYS C 39 -6.94 6.76 17.69
C LYS C 39 -6.26 8.06 18.12
N ALA C 40 -6.09 8.26 19.42
CA ALA C 40 -5.40 9.45 19.90
C ALA C 40 -3.92 9.41 19.53
N LYS C 41 -3.31 8.22 19.55
CA LYS C 41 -1.92 8.09 19.16
C LYS C 41 -1.75 8.26 17.65
N ILE C 42 -2.73 7.83 16.86
CA ILE C 42 -2.68 8.04 15.42
C ILE C 42 -2.68 9.54 15.11
N GLN C 43 -3.44 10.32 15.88
CA GLN C 43 -3.47 11.76 15.67
C GLN C 43 -2.09 12.37 15.91
N ASP C 44 -1.39 11.90 16.94
CA ASP C 44 -0.06 12.44 17.25
C ASP C 44 0.88 12.35 16.06
N LYS C 45 0.86 11.22 15.35
CA LYS C 45 1.80 11.00 14.26
C LYS C 45 1.31 11.63 12.95
N GLU C 46 0.03 11.48 12.63
CA GLU C 46 -0.50 11.92 11.35
C GLU C 46 -1.38 13.15 11.43
N GLY C 47 -1.83 13.54 12.62
CA GLY C 47 -2.66 14.72 12.75
C GLY C 47 -4.08 14.55 12.27
N ILE C 48 -4.64 13.35 12.38
CA ILE C 48 -6.02 13.07 11.98
C ILE C 48 -6.89 13.15 13.22
N PRO C 49 -7.90 14.01 13.26
CA PRO C 49 -8.78 14.08 14.44
C PRO C 49 -9.42 12.73 14.71
N PRO C 50 -9.59 12.35 15.98
CA PRO C 50 -10.17 11.03 16.28
C PRO C 50 -11.51 10.77 15.61
N ASP C 51 -12.40 11.76 15.55
CA ASP C 51 -13.73 11.54 14.97
C ASP C 51 -13.69 11.46 13.45
N GLN C 52 -12.50 11.53 12.84
CA GLN C 52 -12.36 11.22 11.43
C GLN C 52 -11.98 9.76 11.19
N GLN C 53 -11.52 9.06 12.22
CA GLN C 53 -11.02 7.70 12.09
C GLN C 53 -12.04 6.69 12.57
N ARG C 54 -12.03 5.53 11.92
CA ARG C 54 -12.57 4.30 12.49
C ARG C 54 -11.53 3.22 12.26
N LEU C 55 -11.28 2.44 13.29
CA LEU C 55 -10.32 1.35 13.20
C LEU C 55 -11.05 0.04 12.92
N ILE C 56 -10.48 -0.77 12.05
CA ILE C 56 -11.08 -2.03 11.60
C ILE C 56 -10.06 -3.14 11.81
N PHE C 57 -10.52 -4.28 12.31
CA PHE C 57 -9.67 -5.44 12.49
C PHE C 57 -10.53 -6.68 12.57
N SER C 58 -10.01 -7.78 12.02
CA SER C 58 -10.71 -9.07 12.02
C SER C 58 -12.14 -8.93 11.50
N GLY C 59 -12.33 -8.02 10.55
CA GLY C 59 -13.63 -7.82 9.94
C GLY C 59 -14.64 -7.08 10.78
N LYS C 60 -14.18 -6.31 11.76
CA LYS C 60 -15.07 -5.61 12.68
C LYS C 60 -14.73 -4.13 12.73
N LEU C 61 -15.76 -3.31 12.93
CA LEU C 61 -15.57 -1.91 13.32
C LEU C 61 -15.25 -1.86 14.80
N LEU C 62 -14.01 -1.55 15.12
CA LEU C 62 -13.59 -1.52 16.52
C LEU C 62 -14.24 -0.35 17.23
N GLU C 63 -14.81 -0.62 18.40
CA GLU C 63 -15.50 0.41 19.17
C GLU C 63 -14.54 1.09 20.13
N ASP C 64 -14.71 2.40 20.29
CA ASP C 64 -13.76 3.21 21.04
C ASP C 64 -13.56 2.69 22.47
N GLY C 65 -14.64 2.24 23.11
CA GLY C 65 -14.57 1.87 24.51
C GLY C 65 -13.90 0.55 24.81
N ARG C 66 -13.59 -0.26 23.80
CA ARG C 66 -12.98 -1.55 24.04
C ARG C 66 -11.47 -1.45 23.93
N THR C 67 -10.79 -2.46 24.47
CA THR C 67 -9.34 -2.51 24.47
C THR C 67 -8.82 -3.34 23.31
N LEU C 68 -7.53 -3.17 23.01
CA LEU C 68 -6.87 -4.07 22.07
C LEU C 68 -6.97 -5.51 22.54
N SER C 69 -6.89 -5.71 23.86
CA SER C 69 -7.05 -7.05 24.41
C SER C 69 -8.45 -7.60 24.15
N ASP C 70 -9.46 -6.74 24.23
CA ASP C 70 -10.83 -7.17 23.95
C ASP C 70 -10.97 -7.76 22.55
N TYR C 71 -10.18 -7.27 21.61
CA TYR C 71 -10.20 -7.76 20.23
C TYR C 71 -9.10 -8.75 19.94
N ASN C 72 -8.34 -9.17 20.96
CA ASN C 72 -7.31 -10.19 20.78
C ASN C 72 -6.23 -9.71 19.80
N ILE C 73 -5.93 -8.42 19.84
CA ILE C 73 -4.94 -7.83 18.95
C ILE C 73 -3.56 -8.01 19.59
N GLN C 74 -2.71 -8.77 18.91
CA GLN C 74 -1.40 -9.13 19.43
C GLN C 74 -0.32 -8.22 18.84
N LYS C 75 0.91 -8.45 19.25
CA LYS C 75 2.04 -7.69 18.71
C LYS C 75 2.25 -8.01 17.24
N GLU C 76 2.64 -6.99 16.48
CA GLU C 76 2.92 -7.05 15.06
C GLU C 76 1.65 -7.09 14.22
N TYR C 77 0.47 -7.18 14.83
CA TYR C 77 -0.76 -7.13 14.07
C TYR C 77 -0.90 -5.77 13.39
N THR C 78 -1.70 -5.73 12.33
CA THR C 78 -1.97 -4.53 11.58
C THR C 78 -3.46 -4.23 11.60
N LEU C 79 -3.80 -3.02 12.02
CA LEU C 79 -5.18 -2.56 12.03
C LEU C 79 -5.46 -1.78 10.74
N HIS C 80 -6.72 -1.79 10.33
CA HIS C 80 -7.17 -1.05 9.16
C HIS C 80 -7.78 0.28 9.60
N LEU C 81 -7.46 1.34 8.85
CA LEU C 81 -7.90 2.69 9.16
C LEU C 81 -8.92 3.15 8.13
N LEU C 82 -10.13 3.45 8.58
CA LEU C 82 -11.18 4.01 7.74
C LEU C 82 -11.32 5.50 8.05
N LEU C 83 -11.44 6.30 6.99
CA LEU C 83 -11.53 7.74 7.12
C LEU C 83 -12.78 8.26 6.44
N ARG C 84 -13.34 9.33 7.00
CA ARG C 84 -14.41 10.04 6.34
C ARG C 84 -13.91 10.67 5.04
N ARG C 85 -14.70 10.53 3.99
CA ARG C 85 -14.36 11.11 2.69
C ARG C 85 -15.01 12.48 2.55
N HIS C 86 -14.22 13.46 2.14
CA HIS C 86 -14.71 14.82 1.97
C HIS C 86 -14.71 15.21 0.50
N ASP D 11 4.90 -5.05 29.17
CA ASP D 11 3.67 -5.39 28.46
C ASP D 11 3.57 -4.65 27.13
N LYS D 12 4.37 -3.60 26.98
CA LYS D 12 4.35 -2.79 25.77
C LYS D 12 4.61 -3.65 24.54
N MET D 13 3.96 -3.28 23.44
CA MET D 13 4.13 -3.96 22.16
C MET D 13 3.90 -2.94 21.05
N GLN D 14 4.29 -3.31 19.83
CA GLN D 14 4.11 -2.43 18.68
C GLN D 14 3.16 -3.08 17.67
N ILE D 15 2.27 -2.26 17.12
CA ILE D 15 1.33 -2.68 16.08
C ILE D 15 1.44 -1.69 14.93
N PHE D 16 0.72 -2.00 13.86
CA PHE D 16 0.74 -1.18 12.66
C PHE D 16 -0.69 -0.79 12.29
N VAL D 17 -0.80 0.33 11.57
CA VAL D 17 -2.08 0.81 11.06
C VAL D 17 -1.86 1.19 9.60
N LYS D 18 -2.66 0.60 8.71
CA LYS D 18 -2.64 0.94 7.29
C LYS D 18 -4.01 1.45 6.86
N PRO D 19 -4.08 2.33 5.86
CA PRO D 19 -5.39 2.65 5.27
C PRO D 19 -6.00 1.43 4.63
N ILE D 20 -7.32 1.28 4.82
CA ILE D 20 -8.04 0.21 4.13
C ILE D 20 -8.46 0.63 2.73
N ARG D 21 -8.57 1.93 2.48
CA ARG D 21 -8.98 2.41 1.17
C ARG D 21 -7.86 2.19 0.16
N VAL D 22 -8.22 1.67 -1.02
CA VAL D 22 -7.24 1.47 -2.08
C VAL D 22 -6.53 2.77 -2.38
N LYS D 23 -5.19 2.73 -2.38
CA LYS D 23 -4.38 3.91 -2.60
C LYS D 23 -3.97 4.09 -4.05
N THR D 24 -4.32 3.15 -4.94
CA THR D 24 -3.94 3.24 -6.34
C THR D 24 -4.97 4.03 -7.13
N ILE D 25 -4.50 4.97 -7.94
CA ILE D 25 -5.35 5.79 -8.79
C ILE D 25 -5.18 5.30 -10.23
N THR D 26 -6.30 5.07 -10.90
CA THR D 26 -6.31 4.63 -12.29
C THR D 26 -6.68 5.82 -13.17
N LEU D 27 -5.91 6.02 -14.24
CA LEU D 27 -6.12 7.15 -15.14
C LEU D 27 -6.16 6.66 -16.57
N GLU D 28 -6.99 7.32 -17.38
CA GLU D 28 -7.00 7.14 -18.82
C GLU D 28 -6.28 8.32 -19.44
N VAL D 29 -5.18 8.03 -20.16
CA VAL D 29 -4.32 9.07 -20.71
C VAL D 29 -3.90 8.69 -22.12
N GLU D 30 -3.44 9.70 -22.85
CA GLU D 30 -2.83 9.49 -24.16
C GLU D 30 -1.32 9.74 -24.06
N PRO D 31 -0.52 9.11 -24.92
CA PRO D 31 0.93 9.35 -24.84
C PRO D 31 1.33 10.80 -24.96
N SER D 32 0.45 11.67 -25.47
CA SER D 32 0.79 13.08 -25.68
C SER D 32 0.45 13.96 -24.49
N ASP D 33 -0.28 13.46 -23.49
CA ASP D 33 -0.66 14.27 -22.35
C ASP D 33 0.57 14.73 -21.59
N THR D 34 0.51 15.96 -21.07
CA THR D 34 1.60 16.53 -20.30
C THR D 34 1.47 16.16 -18.82
N ILE D 35 2.56 16.40 -18.08
CA ILE D 35 2.54 16.15 -16.65
C ILE D 35 1.50 17.02 -15.97
N GLU D 36 1.29 18.24 -16.47
CA GLU D 36 0.25 19.10 -15.92
C GLU D 36 -1.14 18.46 -16.10
N ASN D 37 -1.41 17.93 -17.29
CA ASN D 37 -2.71 17.32 -17.54
C ASN D 37 -2.92 16.10 -16.66
N VAL D 38 -1.89 15.28 -16.48
CA VAL D 38 -2.00 14.14 -15.57
C VAL D 38 -2.30 14.61 -14.16
N LYS D 39 -1.56 15.62 -13.70
CA LYS D 39 -1.84 16.21 -12.39
C LYS D 39 -3.26 16.74 -12.32
N ALA D 40 -3.77 17.29 -13.43
CA ALA D 40 -5.14 17.79 -13.46
C ALA D 40 -6.14 16.64 -13.41
N LYS D 41 -5.84 15.53 -14.08
CA LYS D 41 -6.71 14.36 -14.02
C LYS D 41 -6.79 13.82 -12.59
N ILE D 42 -5.65 13.76 -11.90
CA ILE D 42 -5.64 13.30 -10.52
C ILE D 42 -6.51 14.21 -9.65
N GLN D 43 -6.52 15.51 -9.95
CA GLN D 43 -7.39 16.44 -9.23
C GLN D 43 -8.85 16.07 -9.42
N ASP D 44 -9.21 15.61 -10.62
CA ASP D 44 -10.61 15.27 -10.89
C ASP D 44 -11.06 14.06 -10.09
N LYS D 45 -10.14 13.15 -9.78
CA LYS D 45 -10.49 11.92 -9.06
C LYS D 45 -10.30 12.06 -7.55
N GLU D 46 -9.18 12.65 -7.12
CA GLU D 46 -8.84 12.73 -5.71
C GLU D 46 -8.98 14.14 -5.13
N GLY D 47 -9.10 15.16 -5.96
CA GLY D 47 -9.28 16.51 -5.47
C GLY D 47 -8.03 17.11 -4.85
N ILE D 48 -6.86 16.84 -5.42
CA ILE D 48 -5.59 17.38 -4.93
C ILE D 48 -5.16 18.49 -5.89
N PRO D 49 -4.89 19.71 -5.38
CA PRO D 49 -4.47 20.79 -6.28
C PRO D 49 -3.18 20.42 -7.00
N PRO D 50 -3.03 20.80 -8.27
CA PRO D 50 -1.78 20.46 -8.99
C PRO D 50 -0.52 20.97 -8.31
N ASP D 51 -0.56 22.16 -7.71
CA ASP D 51 0.63 22.71 -7.06
C ASP D 51 1.05 21.90 -5.84
N GLN D 52 0.21 20.98 -5.38
CA GLN D 52 0.57 20.10 -4.27
C GLN D 52 1.15 18.77 -4.74
N GLN D 53 1.12 18.49 -6.04
CA GLN D 53 1.52 17.20 -6.58
C GLN D 53 2.85 17.33 -7.32
N ARG D 54 3.72 16.33 -7.13
CA ARG D 54 4.89 16.12 -7.96
C ARG D 54 4.92 14.65 -8.35
N LEU D 55 4.98 14.37 -9.64
CA LEU D 55 4.98 13.00 -10.13
C LEU D 55 6.40 12.50 -10.32
N ILE D 56 6.60 11.22 -10.05
CA ILE D 56 7.91 10.59 -10.05
C ILE D 56 7.85 9.30 -10.86
N PHE D 57 8.92 9.02 -11.60
CA PHE D 57 9.01 7.79 -12.37
C PHE D 57 10.47 7.56 -12.77
N SER D 58 10.90 6.30 -12.72
CA SER D 58 12.26 5.91 -13.07
C SER D 58 13.30 6.69 -12.28
N GLY D 59 12.93 7.13 -11.07
CA GLY D 59 13.84 7.86 -10.21
C GLY D 59 14.03 9.31 -10.55
N LYS D 60 13.07 9.93 -11.24
CA LYS D 60 13.18 11.32 -11.64
C LYS D 60 11.93 12.08 -11.25
N LEU D 61 12.10 13.34 -10.88
CA LEU D 61 10.98 14.26 -10.68
C LEU D 61 10.49 14.70 -12.05
N LEU D 62 9.25 14.31 -12.40
CA LEU D 62 8.72 14.65 -13.71
C LEU D 62 8.46 16.15 -13.82
N GLU D 63 8.92 16.75 -14.91
CA GLU D 63 8.78 18.18 -15.11
C GLU D 63 7.37 18.52 -15.61
N ASP D 64 6.81 19.59 -15.05
CA ASP D 64 5.42 19.94 -15.30
C ASP D 64 5.11 20.06 -16.78
N GLY D 65 6.05 20.56 -17.57
CA GLY D 65 5.77 20.90 -18.95
C GLY D 65 6.18 19.87 -19.99
N ARG D 66 6.32 18.60 -19.59
CA ARG D 66 6.70 17.54 -20.50
C ARG D 66 5.61 16.48 -20.58
N THR D 67 5.75 15.57 -21.53
CA THR D 67 4.72 14.57 -21.84
C THR D 67 5.14 13.19 -21.35
N LEU D 68 4.17 12.27 -21.37
CA LEU D 68 4.43 10.89 -21.00
C LEU D 68 5.35 10.22 -22.02
N SER D 69 5.18 10.54 -23.30
CA SER D 69 6.03 9.96 -24.32
C SER D 69 7.49 10.31 -24.11
N ASP D 70 7.77 11.52 -23.61
CA ASP D 70 9.14 11.92 -23.33
C ASP D 70 9.82 10.96 -22.36
N TYR D 71 9.06 10.40 -21.42
CA TYR D 71 9.59 9.47 -20.44
C TYR D 71 9.36 8.01 -20.83
N ASN D 72 8.84 7.76 -22.04
CA ASN D 72 8.57 6.41 -22.51
C ASN D 72 7.67 5.66 -21.53
N ILE D 73 6.68 6.37 -20.99
CA ILE D 73 5.69 5.76 -20.11
C ILE D 73 4.65 5.05 -20.98
N GLN D 74 4.60 3.73 -20.88
CA GLN D 74 3.75 2.92 -21.74
C GLN D 74 2.51 2.45 -20.99
N LYS D 75 1.62 1.80 -21.73
CA LYS D 75 0.36 1.35 -21.17
C LYS D 75 0.58 0.53 -19.91
N GLU D 76 -0.18 0.85 -18.87
CA GLU D 76 -0.20 0.11 -17.61
C GLU D 76 1.05 0.33 -16.76
N TYR D 77 1.83 1.37 -17.05
CA TYR D 77 2.90 1.77 -16.16
C TYR D 77 2.34 2.42 -14.90
N THR D 78 3.18 2.52 -13.87
CA THR D 78 2.78 3.08 -12.59
C THR D 78 3.68 4.26 -12.24
N LEU D 79 3.05 5.38 -11.90
CA LEU D 79 3.76 6.60 -11.50
C LEU D 79 3.65 6.77 -10.00
N HIS D 80 4.72 7.30 -9.40
CA HIS D 80 4.72 7.64 -7.99
C HIS D 80 4.21 9.06 -7.78
N LEU D 81 3.58 9.29 -6.64
CA LEU D 81 3.01 10.59 -6.31
C LEU D 81 3.62 11.11 -5.02
N LEU D 82 4.20 12.30 -5.09
CA LEU D 82 4.76 13.00 -3.94
C LEU D 82 3.86 14.18 -3.60
N LEU D 83 3.67 14.41 -2.29
CA LEU D 83 2.78 15.46 -1.82
C LEU D 83 3.50 16.33 -0.80
N ARG D 84 3.07 17.59 -0.70
CA ARG D 84 3.62 18.52 0.28
C ARG D 84 3.28 18.06 1.69
#